data_8XF4
#
_entry.id   8XF4
#
_cell.length_a   59.974
_cell.length_b   62.099
_cell.length_c   67.926
_cell.angle_alpha   90.000
_cell.angle_beta   90.000
_cell.angle_gamma   90.000
#
_symmetry.space_group_name_H-M   'P 21 21 21'
#
loop_
_entity.id
_entity.type
_entity.pdbx_description
1 polymer 'Iron-hydroxamate ABC transporter substrate-binding protein FtsB'
2 non-polymer 1,12-bis(oxidanyl)-1,6,12,17-tetrazacyclodocosane-2,5,13,16-tetrone
3 non-polymer 'FE (III) ION'
4 water water
#
_entity_poly.entity_id   1
_entity_poly.type   'polypeptide(L)'
_entity_poly.pdbx_seq_one_letter_code
;SNTASKSLSPMPQIAGVTYYGDIPKQPKRVVSLASTYTGYLKKLDMNLVGVTSYDKKNPILAKTVKKAKQVAATDLEAIT
TLKPDLIVVGSTEENIKQLAEIAPVISIEYRKRDYLQVLSDFGRIFNKEGKAKKWLKDWKTKTAAYEKEVKAVTGDKATF
TIMGLYEKDVYLFGKDWGRGGEIIHQAFHYDAPEKVKTEVFKQGYLSLSQEVLPDYIGDYVVIAAEDDKTGSALYESKLW
QSIPAVKKHHVIKVNANVFYFTDPLSLEYQLETLREAILSSEN
;
_entity_poly.pdbx_strand_id   A
#
loop_
_chem_comp.id
_chem_comp.type
_chem_comp.name
_chem_comp.formula
FE non-polymer 'FE (III) ION' 'Fe 3'
OX8 non-polymer 1,12-bis(oxidanyl)-1,6,12,17-tetrazacyclodocosane-2,5,13,16-tetrone 'C18 H32 N4 O6'
#
# COMPACT_ATOMS: atom_id res chain seq x y z
N LEU A 8 -27.49 -3.68 -12.46
CA LEU A 8 -26.21 -2.98 -12.65
C LEU A 8 -25.83 -2.24 -11.36
N SER A 9 -24.51 -2.10 -11.14
CA SER A 9 -24.01 -1.18 -10.13
C SER A 9 -24.53 0.22 -10.46
N PRO A 10 -24.85 1.03 -9.42
CA PRO A 10 -25.17 2.44 -9.63
C PRO A 10 -24.01 3.22 -10.24
N MET A 11 -22.81 2.64 -10.18
CA MET A 11 -21.65 3.24 -10.81
C MET A 11 -21.59 4.73 -10.43
N PRO A 12 -21.42 5.08 -9.15
CA PRO A 12 -21.30 6.48 -8.74
C PRO A 12 -20.07 7.14 -9.33
N GLN A 13 -20.17 8.43 -9.66
CA GLN A 13 -19.03 9.19 -10.15
C GLN A 13 -18.08 9.54 -9.01
N ILE A 14 -16.85 9.00 -9.08
CA ILE A 14 -15.86 9.18 -8.04
C ILE A 14 -14.54 9.58 -8.68
N ALA A 15 -13.84 10.56 -8.11
CA ALA A 15 -12.60 11.01 -8.71
C ALA A 15 -11.65 9.81 -8.79
N GLY A 16 -11.05 9.60 -9.97
CA GLY A 16 -10.04 8.58 -10.19
C GLY A 16 -10.63 7.26 -10.67
N VAL A 17 -11.96 7.11 -10.59
CA VAL A 17 -12.64 5.89 -10.99
C VAL A 17 -13.20 6.05 -12.41
N THR A 18 -12.84 5.13 -13.32
CA THR A 18 -13.42 5.05 -14.66
C THR A 18 -14.05 3.68 -14.84
N TYR A 19 -15.30 3.70 -15.32
CA TYR A 19 -16.04 2.50 -15.63
C TYR A 19 -15.99 2.24 -17.13
N TYR A 20 -15.80 0.97 -17.51
CA TYR A 20 -15.89 0.54 -18.90
C TYR A 20 -16.84 -0.63 -18.95
N GLY A 21 -17.95 -0.45 -19.69
CA GLY A 21 -19.00 -1.45 -19.73
C GLY A 21 -19.91 -1.37 -18.50
N ASP A 22 -20.76 -2.38 -18.36
CA ASP A 22 -21.81 -2.42 -17.36
C ASP A 22 -21.34 -3.17 -16.12
N ILE A 23 -20.86 -2.41 -15.16
CA ILE A 23 -20.41 -2.97 -13.89
C ILE A 23 -21.55 -3.74 -13.24
N PRO A 24 -21.40 -5.03 -12.92
CA PRO A 24 -22.45 -5.77 -12.21
C PRO A 24 -22.62 -5.23 -10.80
N LYS A 25 -23.83 -5.36 -10.25
CA LYS A 25 -24.09 -4.77 -8.94
C LYS A 25 -23.55 -5.66 -7.84
N GLN A 26 -23.48 -6.98 -8.09
CA GLN A 26 -22.86 -7.91 -7.15
C GLN A 26 -21.93 -8.84 -7.92
N PRO A 27 -20.70 -8.40 -8.25
CA PRO A 27 -19.76 -9.24 -8.97
C PRO A 27 -19.57 -10.56 -8.22
N LYS A 28 -19.48 -11.66 -8.96
CA LYS A 28 -19.29 -12.98 -8.37
C LYS A 28 -17.89 -13.51 -8.69
N ARG A 29 -17.28 -13.04 -9.79
CA ARG A 29 -16.01 -13.57 -10.28
C ARG A 29 -15.10 -12.40 -10.67
N VAL A 30 -14.29 -11.95 -9.70
CA VAL A 30 -13.50 -10.73 -9.88
C VAL A 30 -12.06 -11.13 -10.20
N VAL A 31 -11.52 -10.49 -11.23
CA VAL A 31 -10.10 -10.55 -11.52
C VAL A 31 -9.48 -9.21 -11.14
N SER A 32 -8.56 -9.22 -10.16
CA SER A 32 -7.82 -8.01 -9.82
C SER A 32 -6.47 -8.03 -10.53
N LEU A 33 -6.18 -6.98 -11.30
CA LEU A 33 -4.90 -6.85 -11.97
C LEU A 33 -4.13 -5.70 -11.35
N ALA A 34 -4.56 -5.26 -10.17
CA ALA A 34 -3.94 -4.15 -9.48
C ALA A 34 -3.86 -4.47 -8.00
N SER A 35 -2.66 -4.90 -7.59
CA SER A 35 -2.40 -5.35 -6.23
C SER A 35 -2.65 -4.23 -5.24
N THR A 36 -2.60 -2.97 -5.73
CA THR A 36 -2.96 -1.84 -4.90
C THR A 36 -4.37 -2.01 -4.34
N TYR A 37 -5.28 -2.68 -5.08
CA TYR A 37 -6.69 -2.71 -4.70
C TYR A 37 -7.16 -4.11 -4.30
N THR A 38 -6.38 -5.14 -4.57
CA THR A 38 -6.86 -6.50 -4.39
C THR A 38 -7.42 -6.67 -2.97
N GLY A 39 -6.68 -6.18 -1.97
CA GLY A 39 -7.04 -6.43 -0.58
C GLY A 39 -8.23 -5.61 -0.10
N TYR A 40 -8.49 -4.46 -0.74
CA TYR A 40 -9.74 -3.75 -0.54
C TYR A 40 -10.92 -4.61 -0.98
N LEU A 41 -10.79 -5.27 -2.13
CA LEU A 41 -11.87 -6.09 -2.64
C LEU A 41 -12.06 -7.25 -1.67
N LYS A 42 -10.94 -7.80 -1.22
CA LYS A 42 -10.97 -8.92 -0.30
C LYS A 42 -11.71 -8.51 0.97
N LYS A 43 -11.34 -7.35 1.54
CA LYS A 43 -11.90 -6.88 2.78
C LYS A 43 -13.42 -6.74 2.64
N LEU A 44 -13.89 -6.42 1.43
CA LEU A 44 -15.32 -6.30 1.17
C LEU A 44 -15.91 -7.66 0.74
N ASP A 45 -15.22 -8.76 1.11
CA ASP A 45 -15.69 -10.12 0.98
C ASP A 45 -16.14 -10.41 -0.45
N MET A 46 -15.38 -9.93 -1.42
CA MET A 46 -15.69 -10.23 -2.81
C MET A 46 -14.87 -11.44 -3.21
N ASN A 47 -15.36 -12.17 -4.23
CA ASN A 47 -14.76 -13.41 -4.64
C ASN A 47 -13.76 -13.12 -5.75
N LEU A 48 -12.49 -13.26 -5.42
CA LEU A 48 -11.40 -13.01 -6.34
C LEU A 48 -10.96 -14.34 -6.95
N VAL A 49 -11.11 -14.44 -8.28
CA VAL A 49 -10.79 -15.67 -8.99
C VAL A 49 -9.48 -15.50 -9.76
N GLY A 50 -9.03 -14.25 -9.94
CA GLY A 50 -7.67 -13.96 -10.40
C GLY A 50 -7.05 -12.78 -9.65
N VAL A 51 -5.72 -12.84 -9.41
CA VAL A 51 -4.99 -11.82 -8.67
C VAL A 51 -3.59 -11.74 -9.26
N THR A 52 -2.79 -10.78 -8.78
CA THR A 52 -1.48 -10.53 -9.37
C THR A 52 -0.39 -11.29 -8.60
N SER A 53 0.80 -11.30 -9.23
CA SER A 53 2.02 -11.84 -8.66
C SER A 53 2.27 -11.25 -7.28
N TYR A 54 2.25 -9.91 -7.20
CA TYR A 54 2.41 -9.21 -5.93
C TYR A 54 1.44 -9.76 -4.87
N ASP A 55 0.19 -10.00 -5.26
CA ASP A 55 -0.81 -10.45 -4.30
C ASP A 55 -0.42 -11.85 -3.80
N LYS A 56 0.05 -12.71 -4.72
CA LYS A 56 0.48 -14.05 -4.33
C LYS A 56 1.70 -13.99 -3.42
N LYS A 57 2.53 -12.94 -3.57
CA LYS A 57 3.75 -12.79 -2.80
C LYS A 57 3.51 -12.07 -1.47
N ASN A 58 2.30 -11.56 -1.26
CA ASN A 58 1.96 -10.83 -0.05
C ASN A 58 1.59 -11.83 1.02
N PRO A 59 2.42 -12.00 2.07
CA PRO A 59 2.22 -13.09 3.03
C PRO A 59 0.96 -12.92 3.86
N ILE A 60 0.39 -11.70 3.90
CA ILE A 60 -0.86 -11.46 4.61
C ILE A 60 -2.04 -11.77 3.70
N LEU A 61 -2.00 -11.19 2.50
CA LEU A 61 -3.14 -11.29 1.61
C LEU A 61 -3.24 -12.68 1.00
N ALA A 62 -2.08 -13.27 0.68
CA ALA A 62 -2.02 -14.48 -0.12
C ALA A 62 -2.87 -15.60 0.48
N LYS A 63 -3.02 -15.58 1.81
CA LYS A 63 -3.71 -16.65 2.52
C LYS A 63 -5.19 -16.66 2.16
N THR A 64 -5.72 -15.47 1.82
CA THR A 64 -7.14 -15.31 1.54
C THR A 64 -7.46 -15.50 0.05
N VAL A 65 -6.46 -15.67 -0.80
CA VAL A 65 -6.74 -15.79 -2.24
C VAL A 65 -6.03 -17.01 -2.82
N LYS A 66 -5.88 -18.06 -2.02
CA LYS A 66 -5.20 -19.27 -2.49
C LYS A 66 -5.87 -19.83 -3.75
N LYS A 67 -7.19 -19.73 -3.85
CA LYS A 67 -7.89 -20.35 -4.97
C LYS A 67 -7.78 -19.48 -6.22
N ALA A 68 -7.28 -18.25 -6.09
CA ALA A 68 -7.23 -17.38 -7.24
C ALA A 68 -6.06 -17.78 -8.12
N LYS A 69 -6.25 -17.66 -9.43
CA LYS A 69 -5.15 -17.85 -10.36
C LYS A 69 -4.34 -16.56 -10.42
N GLN A 70 -3.02 -16.74 -10.54
CA GLN A 70 -2.11 -15.62 -10.73
C GLN A 70 -2.16 -15.22 -12.20
N VAL A 71 -2.40 -13.93 -12.46
CA VAL A 71 -2.58 -13.45 -13.82
C VAL A 71 -1.94 -12.07 -13.97
N ALA A 72 -1.27 -11.87 -15.11
CA ALA A 72 -0.90 -10.53 -15.54
C ALA A 72 -1.94 -10.06 -16.57
N ALA A 73 -2.00 -8.73 -16.76
CA ALA A 73 -2.82 -8.11 -17.77
C ALA A 73 -2.55 -8.69 -19.15
N THR A 74 -1.31 -9.16 -19.37
CA THR A 74 -0.90 -9.69 -20.67
C THR A 74 -1.47 -11.09 -20.90
N ASP A 75 -2.07 -11.73 -19.87
CA ASP A 75 -2.56 -13.09 -20.02
C ASP A 75 -4.05 -13.09 -20.38
N LEU A 76 -4.39 -12.55 -21.54
CA LEU A 76 -5.78 -12.35 -21.92
C LEU A 76 -6.51 -13.69 -21.93
N GLU A 77 -5.84 -14.70 -22.49
CA GLU A 77 -6.43 -16.01 -22.62
C GLU A 77 -6.75 -16.56 -21.23
N ALA A 78 -5.78 -16.49 -20.31
CA ALA A 78 -5.95 -16.96 -18.94
C ALA A 78 -7.11 -16.24 -18.26
N ILE A 79 -7.14 -14.91 -18.42
CA ILE A 79 -8.19 -14.10 -17.82
C ILE A 79 -9.52 -14.52 -18.41
N THR A 80 -9.58 -14.72 -19.73
CA THR A 80 -10.84 -15.07 -20.38
C THR A 80 -11.38 -16.38 -19.76
N THR A 81 -10.49 -17.34 -19.53
CA THR A 81 -10.87 -18.68 -19.08
C THR A 81 -11.47 -18.63 -17.69
N LEU A 82 -11.13 -17.60 -16.91
CA LEU A 82 -11.64 -17.45 -15.56
C LEU A 82 -13.10 -16.98 -15.57
N LYS A 83 -13.60 -16.55 -16.74
CA LYS A 83 -14.99 -16.10 -16.85
C LYS A 83 -15.27 -14.99 -15.84
N PRO A 84 -14.46 -13.91 -15.75
CA PRO A 84 -14.74 -12.84 -14.80
C PRO A 84 -16.02 -12.10 -15.19
N ASP A 85 -16.72 -11.55 -14.19
CA ASP A 85 -17.80 -10.61 -14.44
C ASP A 85 -17.34 -9.21 -14.07
N LEU A 86 -16.09 -9.06 -13.62
CA LEU A 86 -15.52 -7.76 -13.31
C LEU A 86 -13.99 -7.85 -13.32
N ILE A 87 -13.35 -6.85 -13.95
CA ILE A 87 -11.90 -6.73 -13.94
C ILE A 87 -11.53 -5.37 -13.33
N VAL A 88 -10.55 -5.38 -12.41
CA VAL A 88 -10.11 -4.17 -11.76
C VAL A 88 -8.64 -3.95 -12.13
N VAL A 89 -8.35 -2.73 -12.59
CA VAL A 89 -7.04 -2.36 -13.11
C VAL A 89 -6.66 -0.99 -12.57
N GLY A 90 -5.35 -0.73 -12.55
CA GLY A 90 -4.82 0.60 -12.39
C GLY A 90 -4.91 1.38 -13.70
N SER A 91 -5.05 2.72 -13.60
CA SER A 91 -5.27 3.52 -14.79
C SER A 91 -4.05 3.51 -15.71
N THR A 92 -2.90 2.96 -15.30
CA THR A 92 -1.73 2.90 -16.16
C THR A 92 -1.80 1.72 -17.12
N GLU A 93 -2.84 0.87 -16.99
CA GLU A 93 -2.97 -0.30 -17.85
C GLU A 93 -3.26 0.10 -19.29
N GLU A 94 -2.43 -0.38 -20.23
CA GLU A 94 -2.40 0.13 -21.59
C GLU A 94 -3.35 -0.62 -22.51
N ASN A 95 -3.93 -1.74 -22.03
CA ASN A 95 -4.81 -2.55 -22.86
C ASN A 95 -6.15 -2.78 -22.18
N ILE A 96 -6.72 -1.72 -21.58
CA ILE A 96 -8.09 -1.82 -21.09
C ILE A 96 -9.01 -2.25 -22.24
N LYS A 97 -8.67 -1.82 -23.46
CA LYS A 97 -9.52 -2.07 -24.60
C LYS A 97 -9.82 -3.56 -24.72
N GLN A 98 -8.80 -4.41 -24.63
CA GLN A 98 -9.02 -5.84 -24.80
C GLN A 98 -9.56 -6.44 -23.50
N LEU A 99 -9.26 -5.83 -22.37
CA LEU A 99 -9.80 -6.30 -21.10
C LEU A 99 -11.31 -6.10 -21.07
N ALA A 100 -11.79 -4.98 -21.61
CA ALA A 100 -13.21 -4.63 -21.61
C ALA A 100 -14.00 -5.59 -22.51
N GLU A 101 -13.32 -6.20 -23.50
CA GLU A 101 -13.93 -7.21 -24.35
C GLU A 101 -14.17 -8.50 -23.57
N ILE A 102 -13.52 -8.66 -22.41
CA ILE A 102 -13.67 -9.88 -21.64
C ILE A 102 -14.76 -9.69 -20.59
N ALA A 103 -14.73 -8.53 -19.94
CA ALA A 103 -15.65 -8.27 -18.86
C ALA A 103 -15.64 -6.78 -18.59
N PRO A 104 -16.66 -6.22 -17.91
CA PRO A 104 -16.62 -4.83 -17.46
C PRO A 104 -15.38 -4.58 -16.60
N VAL A 105 -14.82 -3.39 -16.77
CA VAL A 105 -13.57 -3.01 -16.14
C VAL A 105 -13.79 -1.74 -15.34
N ILE A 106 -13.23 -1.74 -14.12
CA ILE A 106 -13.05 -0.54 -13.32
C ILE A 106 -11.56 -0.20 -13.32
N SER A 107 -11.25 1.03 -13.71
CA SER A 107 -9.90 1.54 -13.67
C SER A 107 -9.79 2.64 -12.60
N ILE A 108 -8.76 2.54 -11.75
CA ILE A 108 -8.52 3.50 -10.70
C ILE A 108 -7.18 4.20 -10.93
N GLU A 109 -7.23 5.53 -10.94
CA GLU A 109 -6.06 6.37 -11.01
C GLU A 109 -5.51 6.57 -9.61
N TYR A 110 -4.29 6.07 -9.40
CA TYR A 110 -3.68 6.06 -8.09
C TYR A 110 -3.60 7.47 -7.52
N ARG A 111 -3.94 7.62 -6.25
CA ARG A 111 -3.68 8.83 -5.49
C ARG A 111 -4.79 9.88 -5.66
N LYS A 112 -5.75 9.66 -6.56
CA LYS A 112 -6.89 10.55 -6.66
C LYS A 112 -7.74 10.51 -5.39
N ARG A 113 -7.91 9.31 -4.81
CA ARG A 113 -8.58 9.16 -3.52
C ARG A 113 -7.58 8.54 -2.55
N ASP A 114 -7.72 8.84 -1.25
CA ASP A 114 -6.69 8.47 -0.28
C ASP A 114 -6.91 7.02 0.16
N TYR A 115 -5.97 6.50 0.95
CA TYR A 115 -5.93 5.08 1.29
C TYR A 115 -7.21 4.67 2.02
N LEU A 116 -7.90 5.62 2.66
CA LEU A 116 -9.14 5.31 3.39
C LEU A 116 -10.37 5.49 2.48
N GLN A 117 -10.37 6.57 1.70
CA GLN A 117 -11.48 6.83 0.78
C GLN A 117 -11.67 5.67 -0.20
N VAL A 118 -10.57 5.02 -0.59
CA VAL A 118 -10.65 3.98 -1.61
C VAL A 118 -11.62 2.90 -1.15
N LEU A 119 -11.60 2.59 0.14
CA LEU A 119 -12.40 1.50 0.66
C LEU A 119 -13.88 1.89 0.62
N SER A 120 -14.21 3.08 1.12
CA SER A 120 -15.60 3.55 1.15
C SER A 120 -16.11 3.72 -0.29
N ASP A 121 -15.24 4.15 -1.19
CA ASP A 121 -15.56 4.27 -2.61
C ASP A 121 -16.00 2.92 -3.16
N PHE A 122 -15.24 1.86 -2.87
CA PHE A 122 -15.63 0.53 -3.33
C PHE A 122 -16.94 0.13 -2.65
N GLY A 123 -17.12 0.59 -1.40
CA GLY A 123 -18.37 0.37 -0.68
C GLY A 123 -19.57 0.87 -1.47
N ARG A 124 -19.44 2.12 -1.97
CA ARG A 124 -20.48 2.75 -2.77
C ARG A 124 -20.74 1.99 -4.06
N ILE A 125 -19.70 1.48 -4.72
CA ILE A 125 -19.83 0.86 -6.03
C ILE A 125 -20.48 -0.51 -5.91
N PHE A 126 -20.20 -1.24 -4.82
CA PHE A 126 -20.50 -2.66 -4.74
C PHE A 126 -21.40 -3.00 -3.55
N ASN A 127 -22.10 -1.98 -3.04
CA ASN A 127 -23.11 -2.25 -2.04
C ASN A 127 -22.48 -2.92 -0.83
N LYS A 128 -21.46 -2.29 -0.26
CA LYS A 128 -20.84 -2.78 0.96
C LYS A 128 -20.38 -1.58 1.78
N GLU A 129 -21.17 -0.50 1.78
CA GLU A 129 -20.81 0.68 2.55
C GLU A 129 -20.95 0.42 4.05
N GLY A 130 -21.78 -0.57 4.44
CA GLY A 130 -21.85 -0.99 5.83
C GLY A 130 -20.50 -1.50 6.31
N LYS A 131 -19.98 -2.51 5.61
CA LYS A 131 -18.75 -3.21 5.99
C LYS A 131 -17.59 -2.22 5.94
N ALA A 132 -17.61 -1.31 4.97
CA ALA A 132 -16.56 -0.32 4.82
C ALA A 132 -16.57 0.63 6.00
N LYS A 133 -17.75 1.11 6.37
CA LYS A 133 -17.82 2.18 7.36
C LYS A 133 -17.46 1.65 8.74
N LYS A 134 -17.70 0.36 9.00
CA LYS A 134 -17.34 -0.27 10.26
C LYS A 134 -15.80 -0.32 10.38
N TRP A 135 -15.14 -0.74 9.30
CA TRP A 135 -13.70 -0.84 9.32
C TRP A 135 -13.08 0.53 9.53
N LEU A 136 -13.60 1.56 8.86
CA LEU A 136 -13.01 2.88 8.90
C LEU A 136 -13.10 3.48 10.30
N LYS A 137 -14.26 3.29 10.93
CA LYS A 137 -14.49 3.81 12.26
C LYS A 137 -13.53 3.16 13.27
N ASP A 138 -13.41 1.82 13.22
CA ASP A 138 -12.52 1.09 14.12
C ASP A 138 -11.07 1.41 13.81
N TRP A 139 -10.74 1.59 12.52
CA TRP A 139 -9.39 1.97 12.15
C TRP A 139 -9.00 3.29 12.81
N LYS A 140 -9.87 4.30 12.69
CA LYS A 140 -9.55 5.62 13.21
C LYS A 140 -9.37 5.60 14.74
N THR A 141 -10.15 4.75 15.43
CA THR A 141 -10.10 4.61 16.88
C THR A 141 -8.75 4.01 17.30
N LYS A 142 -8.46 2.84 16.73
CA LYS A 142 -7.25 2.08 17.04
C LYS A 142 -6.01 2.92 16.75
N THR A 143 -5.99 3.64 15.61
CA THR A 143 -4.81 4.40 15.21
C THR A 143 -4.59 5.56 16.17
N ALA A 144 -5.66 6.29 16.56
CA ALA A 144 -5.50 7.45 17.42
C ALA A 144 -4.96 7.03 18.78
N ALA A 145 -5.38 5.85 19.26
CA ALA A 145 -4.87 5.30 20.49
C ALA A 145 -3.39 4.96 20.33
N TYR A 146 -3.09 4.13 19.32
CA TYR A 146 -1.73 3.69 19.06
C TYR A 146 -0.80 4.89 18.89
N GLU A 147 -1.31 5.98 18.31
CA GLU A 147 -0.50 7.15 18.09
C GLU A 147 0.04 7.66 19.43
N LYS A 148 -0.78 7.61 20.48
CA LYS A 148 -0.40 8.19 21.75
C LYS A 148 0.68 7.31 22.36
N GLU A 149 0.43 5.99 22.31
CA GLU A 149 1.35 4.99 22.82
C GLU A 149 2.74 5.16 22.21
N VAL A 150 2.82 5.35 20.89
CA VAL A 150 4.11 5.33 20.22
C VAL A 150 4.79 6.66 20.45
N LYS A 151 4.01 7.74 20.41
CA LYS A 151 4.58 9.06 20.67
C LYS A 151 5.03 9.21 22.13
N ALA A 152 4.43 8.41 23.02
CA ALA A 152 4.85 8.40 24.42
C ALA A 152 6.29 7.95 24.52
N VAL A 153 6.71 7.05 23.61
CA VAL A 153 8.07 6.59 23.61
C VAL A 153 8.98 7.58 22.88
N THR A 154 8.55 8.11 21.72
CA THR A 154 9.50 8.77 20.85
C THR A 154 9.53 10.26 21.14
N GLY A 155 8.52 10.76 21.85
CA GLY A 155 8.24 12.18 21.82
C GLY A 155 7.41 12.53 20.60
N ASP A 156 6.72 13.66 20.70
CA ASP A 156 5.71 14.08 19.75
C ASP A 156 6.36 14.64 18.49
N LYS A 157 7.59 15.14 18.60
CA LYS A 157 8.23 15.83 17.49
C LYS A 157 9.27 14.97 16.80
N ALA A 158 9.35 13.68 17.15
CA ALA A 158 10.31 12.78 16.53
C ALA A 158 10.05 12.76 15.02
N THR A 159 11.13 12.79 14.24
CA THR A 159 10.98 12.70 12.80
C THR A 159 11.16 11.26 12.34
N PHE A 160 10.34 10.89 11.34
CA PHE A 160 10.39 9.61 10.66
C PHE A 160 10.64 9.82 9.16
N THR A 161 11.50 8.97 8.59
CA THR A 161 11.63 8.88 7.15
C THR A 161 11.22 7.49 6.65
N ILE A 162 10.43 7.46 5.57
CA ILE A 162 10.09 6.22 4.90
C ILE A 162 11.06 6.01 3.73
N MET A 163 11.59 4.79 3.68
CA MET A 163 12.61 4.42 2.73
C MET A 163 12.28 3.05 2.14
N GLY A 164 12.57 2.84 0.87
CA GLY A 164 12.45 1.51 0.26
C GLY A 164 13.70 1.18 -0.58
N LEU A 165 14.14 -0.09 -0.50
CA LEU A 165 15.27 -0.56 -1.28
C LEU A 165 14.77 -1.55 -2.33
N TYR A 166 15.25 -1.39 -3.56
CA TYR A 166 15.01 -2.35 -4.63
C TYR A 166 16.26 -2.51 -5.50
N GLU A 167 16.82 -3.73 -5.54
CA GLU A 167 18.06 -4.00 -6.26
C GLU A 167 19.11 -3.03 -5.75
N LYS A 168 19.68 -2.18 -6.61
CA LYS A 168 20.68 -1.21 -6.13
C LYS A 168 20.04 0.16 -5.95
N ASP A 169 18.70 0.25 -6.09
CA ASP A 169 18.00 1.52 -6.03
C ASP A 169 17.56 1.83 -4.60
N VAL A 170 17.53 3.13 -4.30
CA VAL A 170 17.15 3.62 -2.99
C VAL A 170 16.08 4.68 -3.21
N TYR A 171 14.92 4.50 -2.57
CA TYR A 171 13.86 5.49 -2.66
C TYR A 171 13.49 5.99 -1.27
N LEU A 172 13.11 7.26 -1.24
CA LEU A 172 12.38 7.84 -0.13
C LEU A 172 10.92 7.91 -0.55
N PHE A 173 10.03 7.80 0.44
CA PHE A 173 8.60 7.86 0.23
C PHE A 173 8.01 8.89 1.19
N GLY A 174 6.85 9.38 0.80
CA GLY A 174 6.10 10.33 1.60
C GLY A 174 4.99 9.64 2.37
N LYS A 175 3.82 10.28 2.40
CA LYS A 175 2.79 9.84 3.32
C LYS A 175 1.78 8.93 2.63
N ASP A 176 1.84 8.82 1.29
CA ASP A 176 0.79 8.13 0.58
C ASP A 176 1.34 7.34 -0.62
N TRP A 177 2.51 6.72 -0.47
CA TRP A 177 3.08 5.88 -1.50
C TRP A 177 3.51 4.55 -0.90
N GLY A 178 2.80 4.10 0.15
CA GLY A 178 3.05 2.80 0.74
C GLY A 178 4.32 2.77 1.57
N ARG A 179 4.85 1.55 1.79
CA ARG A 179 6.05 1.30 2.56
C ARG A 179 5.87 1.76 4.02
N GLY A 180 4.62 1.87 4.48
CA GLY A 180 4.34 2.22 5.87
C GLY A 180 4.09 3.71 6.09
N GLY A 181 4.12 4.52 5.02
CA GLY A 181 4.02 5.95 5.13
C GLY A 181 2.60 6.40 5.52
N GLU A 182 1.60 5.65 5.09
CA GLU A 182 0.23 5.94 5.47
C GLU A 182 0.11 5.82 7.00
N ILE A 183 0.65 4.74 7.60
CA ILE A 183 0.57 4.57 9.05
C ILE A 183 1.43 5.59 9.80
N ILE A 184 2.69 5.77 9.38
CA ILE A 184 3.64 6.60 10.10
C ILE A 184 3.25 8.08 10.00
N HIS A 185 2.91 8.51 8.79
CA HIS A 185 2.73 9.92 8.54
C HIS A 185 1.27 10.33 8.64
N GLN A 186 0.32 9.46 8.30
CA GLN A 186 -1.10 9.84 8.34
C GLN A 186 -1.78 9.36 9.62
N ALA A 187 -1.68 8.08 9.96
CA ALA A 187 -2.38 7.52 11.11
C ALA A 187 -1.72 7.91 12.44
N PHE A 188 -0.38 8.01 12.46
CA PHE A 188 0.35 8.39 13.66
C PHE A 188 0.77 9.87 13.60
N HIS A 189 0.56 10.53 12.46
CA HIS A 189 0.87 11.95 12.30
C HIS A 189 2.31 12.25 12.72
N TYR A 190 3.28 11.41 12.33
CA TYR A 190 4.67 11.74 12.61
C TYR A 190 5.14 12.72 11.55
N ASP A 191 5.91 13.71 12.01
CA ASP A 191 6.60 14.64 11.14
C ASP A 191 7.71 13.88 10.38
N ALA A 192 8.23 14.52 9.33
CA ALA A 192 9.37 14.03 8.60
C ALA A 192 10.46 15.08 8.64
N PRO A 193 11.73 14.70 8.37
CA PRO A 193 12.80 15.68 8.21
C PRO A 193 12.41 16.69 7.14
N GLU A 194 13.02 17.88 7.23
CA GLU A 194 12.65 19.00 6.39
C GLU A 194 12.81 18.66 4.91
N LYS A 195 13.95 18.09 4.52
CA LYS A 195 14.22 17.80 3.11
C LYS A 195 13.24 16.75 2.56
N VAL A 196 12.76 15.83 3.41
CA VAL A 196 11.77 14.84 3.03
C VAL A 196 10.43 15.53 2.75
N LYS A 197 10.04 16.50 3.58
CA LYS A 197 8.79 17.21 3.32
C LYS A 197 8.86 18.02 2.04
N THR A 198 10.01 18.64 1.76
CA THR A 198 10.06 19.63 0.70
C THR A 198 10.41 18.97 -0.62
N GLU A 199 10.97 17.76 -0.56
CA GLU A 199 11.44 17.07 -1.76
C GLU A 199 10.68 15.76 -2.03
N VAL A 200 9.92 15.23 -1.07
CA VAL A 200 9.34 13.90 -1.21
C VAL A 200 7.82 13.94 -1.11
N PHE A 201 7.26 14.71 -0.17
CA PHE A 201 5.86 14.58 0.19
C PHE A 201 4.92 14.82 -0.98
N LYS A 202 5.14 15.90 -1.72
CA LYS A 202 4.24 16.28 -2.80
C LYS A 202 4.29 15.24 -3.93
N GLN A 203 5.51 14.85 -4.36
CA GLN A 203 5.69 13.88 -5.43
C GLN A 203 5.31 12.47 -4.98
N GLY A 204 5.56 12.14 -3.71
CA GLY A 204 5.20 10.84 -3.15
C GLY A 204 6.39 9.91 -2.91
N TYR A 205 7.41 10.05 -3.75
CA TYR A 205 8.56 9.15 -3.77
C TYR A 205 9.71 9.93 -4.39
N LEU A 206 10.95 9.51 -4.13
CA LEU A 206 12.10 10.18 -4.73
C LEU A 206 13.24 9.18 -4.82
N SER A 207 13.79 8.98 -6.02
CA SER A 207 14.96 8.15 -6.19
C SER A 207 16.16 8.93 -5.68
N LEU A 208 17.01 8.27 -4.90
CA LEU A 208 17.97 8.99 -4.08
C LEU A 208 19.34 8.38 -4.23
N SER A 209 20.35 9.26 -4.23
CA SER A 209 21.73 8.84 -4.06
C SER A 209 21.92 8.39 -2.63
N GLN A 210 22.67 7.29 -2.45
CA GLN A 210 22.96 6.76 -1.13
C GLN A 210 23.73 7.74 -0.27
N GLU A 211 24.51 8.60 -0.90
CA GLU A 211 25.46 9.40 -0.15
C GLU A 211 24.85 10.73 0.30
N VAL A 212 23.59 10.99 -0.04
CA VAL A 212 22.90 12.12 0.55
C VAL A 212 21.93 11.64 1.64
N LEU A 213 21.89 10.32 1.90
CA LEU A 213 20.88 9.75 2.80
C LEU A 213 20.87 10.41 4.17
N PRO A 214 22.03 10.69 4.80
CA PRO A 214 22.04 11.25 6.16
C PRO A 214 21.24 12.53 6.28
N ASP A 215 21.19 13.29 5.18
CA ASP A 215 20.52 14.57 5.15
C ASP A 215 19.01 14.43 5.10
N TYR A 216 18.48 13.21 4.91
CA TYR A 216 17.03 13.03 4.82
C TYR A 216 16.55 12.14 5.97
N ILE A 217 17.42 11.85 6.94
CA ILE A 217 17.06 11.00 8.05
C ILE A 217 17.33 11.74 9.37
N GLY A 218 16.30 11.82 10.22
CA GLY A 218 16.39 12.44 11.54
C GLY A 218 16.40 11.38 12.64
N ASP A 219 15.26 11.20 13.30
CA ASP A 219 15.19 10.39 14.50
C ASP A 219 15.02 8.91 14.15
N TYR A 220 14.08 8.59 13.24
CA TYR A 220 13.72 7.22 12.93
C TYR A 220 13.62 7.01 11.41
N VAL A 221 13.82 5.76 11.00
CA VAL A 221 13.74 5.42 9.60
C VAL A 221 13.11 4.03 9.48
N VAL A 222 12.09 3.97 8.62
CA VAL A 222 11.43 2.75 8.22
C VAL A 222 11.91 2.40 6.81
N ILE A 223 12.43 1.17 6.66
CA ILE A 223 13.06 0.71 5.42
C ILE A 223 12.36 -0.55 4.94
N ALA A 224 11.73 -0.48 3.76
CA ALA A 224 11.05 -1.63 3.17
C ALA A 224 11.99 -2.29 2.18
N ALA A 225 12.03 -3.62 2.19
CA ALA A 225 12.82 -4.40 1.25
C ALA A 225 12.17 -5.77 1.09
N GLU A 226 12.42 -6.41 -0.05
CA GLU A 226 11.74 -7.66 -0.38
C GLU A 226 12.48 -8.86 0.21
N ASP A 227 13.74 -8.68 0.66
CA ASP A 227 14.47 -9.80 1.22
C ASP A 227 15.59 -9.23 2.08
N ASP A 228 16.37 -10.11 2.72
CA ASP A 228 17.42 -9.71 3.66
C ASP A 228 18.68 -9.25 2.91
N LYS A 229 18.93 -9.80 1.73
CA LYS A 229 20.17 -9.50 1.03
C LYS A 229 20.19 -8.09 0.44
N THR A 230 19.04 -7.54 0.06
CA THR A 230 19.04 -6.30 -0.72
C THR A 230 19.75 -5.17 0.06
N GLY A 231 19.54 -5.11 1.37
CA GLY A 231 20.21 -4.10 2.20
C GLY A 231 21.74 -4.27 2.23
N SER A 232 22.19 -5.46 2.63
CA SER A 232 23.58 -5.83 2.92
C SER A 232 24.59 -4.70 2.74
N ALA A 233 24.94 -4.32 1.52
CA ALA A 233 26.10 -3.47 1.27
C ALA A 233 25.89 -2.02 1.71
N LEU A 234 24.65 -1.52 1.69
CA LEU A 234 24.38 -0.19 2.22
C LEU A 234 24.57 -0.22 3.73
N TYR A 235 23.96 -1.22 4.39
CA TYR A 235 24.00 -1.41 5.83
C TYR A 235 25.42 -1.62 6.36
N GLU A 236 26.36 -1.97 5.47
CA GLU A 236 27.76 -2.17 5.80
C GLU A 236 28.57 -0.90 5.54
N SER A 237 28.00 0.05 4.81
CA SER A 237 28.73 1.25 4.43
C SER A 237 29.04 2.10 5.65
N LYS A 238 30.15 2.83 5.59
CA LYS A 238 30.53 3.75 6.66
C LYS A 238 29.50 4.87 6.72
N LEU A 239 29.12 5.40 5.55
CA LEU A 239 28.18 6.51 5.48
C LEU A 239 26.90 6.13 6.22
N TRP A 240 26.34 4.96 5.91
CA TRP A 240 25.11 4.51 6.57
C TRP A 240 25.32 4.41 8.08
N GLN A 241 26.48 3.87 8.47
CA GLN A 241 26.76 3.63 9.88
C GLN A 241 27.01 4.93 10.64
N SER A 242 27.32 6.02 9.92
CA SER A 242 27.57 7.29 10.56
C SER A 242 26.28 8.04 10.90
N ILE A 243 25.12 7.54 10.44
CA ILE A 243 23.86 8.24 10.62
C ILE A 243 23.34 8.03 12.05
N PRO A 244 23.08 9.13 12.80
CA PRO A 244 22.64 9.00 14.19
C PRO A 244 21.55 7.97 14.39
N ALA A 245 20.50 8.05 13.56
CA ALA A 245 19.36 7.15 13.75
C ALA A 245 19.83 5.68 13.67
N VAL A 246 20.82 5.40 12.83
CA VAL A 246 21.35 4.06 12.69
C VAL A 246 22.15 3.73 13.94
N LYS A 247 23.02 4.65 14.36
CA LYS A 247 23.83 4.45 15.55
C LYS A 247 22.93 4.17 16.76
N LYS A 248 21.78 4.85 16.84
CA LYS A 248 20.92 4.66 18.01
C LYS A 248 19.89 3.56 17.81
N HIS A 249 20.02 2.73 16.76
CA HIS A 249 19.13 1.60 16.53
C HIS A 249 17.67 2.07 16.40
N HIS A 250 17.46 3.15 15.63
CA HIS A 250 16.14 3.66 15.36
C HIS A 250 15.76 3.30 13.92
N VAL A 251 16.19 2.13 13.47
CA VAL A 251 15.98 1.65 12.12
C VAL A 251 14.97 0.51 12.21
N ILE A 252 13.82 0.67 11.54
CA ILE A 252 12.79 -0.34 11.52
C ILE A 252 12.73 -0.92 10.11
N LYS A 253 13.25 -2.14 9.99
CA LYS A 253 13.32 -2.84 8.74
C LYS A 253 12.06 -3.67 8.58
N VAL A 254 11.33 -3.43 7.49
CA VAL A 254 10.06 -4.10 7.26
C VAL A 254 10.07 -4.83 5.92
N ASN A 255 9.11 -5.76 5.80
CA ASN A 255 8.96 -6.65 4.65
C ASN A 255 8.07 -5.99 3.60
N ALA A 256 8.72 -5.52 2.54
CA ALA A 256 8.06 -4.85 1.43
C ALA A 256 6.91 -5.68 0.84
N ASN A 257 7.05 -7.00 0.87
CA ASN A 257 6.09 -7.87 0.20
C ASN A 257 4.70 -7.68 0.81
N VAL A 258 4.64 -7.12 2.01
CA VAL A 258 3.35 -6.67 2.53
C VAL A 258 3.31 -5.15 2.67
N PHE A 259 4.45 -4.52 2.99
CA PHE A 259 4.44 -3.09 3.29
C PHE A 259 4.29 -2.20 2.05
N TYR A 260 4.29 -2.77 0.84
CA TYR A 260 3.99 -1.97 -0.35
C TYR A 260 2.55 -1.45 -0.36
N PHE A 261 1.63 -2.14 0.34
CA PHE A 261 0.21 -1.99 0.08
C PHE A 261 -0.43 -1.15 1.18
N THR A 262 -1.65 -0.67 0.90
CA THR A 262 -2.41 0.14 1.85
C THR A 262 -3.84 -0.38 1.99
N ASP A 263 -4.07 -1.63 1.59
CA ASP A 263 -5.35 -2.26 1.78
C ASP A 263 -5.53 -2.63 3.25
N PRO A 264 -6.79 -2.74 3.72
CA PRO A 264 -7.07 -3.11 5.11
C PRO A 264 -6.32 -4.30 5.73
N LEU A 265 -6.17 -5.40 4.98
CA LEU A 265 -5.51 -6.60 5.48
C LEU A 265 -4.03 -6.31 5.70
N SER A 266 -3.37 -5.79 4.66
CA SER A 266 -1.95 -5.47 4.78
C SER A 266 -1.76 -4.45 5.90
N LEU A 267 -2.68 -3.49 6.00
CA LEU A 267 -2.56 -2.39 6.93
C LEU A 267 -2.66 -2.86 8.38
N GLU A 268 -3.60 -3.75 8.67
CA GLU A 268 -3.76 -4.30 10.01
C GLU A 268 -2.43 -4.88 10.51
N TYR A 269 -1.77 -5.67 9.66
CA TYR A 269 -0.49 -6.26 10.01
C TYR A 269 0.55 -5.16 10.16
N GLN A 270 0.61 -4.26 9.18
CA GLN A 270 1.58 -3.18 9.22
C GLN A 270 1.42 -2.39 10.52
N LEU A 271 0.17 -2.15 10.94
CA LEU A 271 -0.10 -1.28 12.06
C LEU A 271 0.46 -1.86 13.35
N GLU A 272 0.32 -3.18 13.53
CA GLU A 272 0.74 -3.86 14.74
C GLU A 272 2.26 -3.99 14.73
N THR A 273 2.80 -4.32 13.54
CA THR A 273 4.22 -4.45 13.34
C THR A 273 4.92 -3.14 13.69
N LEU A 274 4.42 -2.01 13.16
CA LEU A 274 5.05 -0.72 13.37
C LEU A 274 4.91 -0.30 14.82
N ARG A 275 3.76 -0.60 15.43
CA ARG A 275 3.55 -0.22 16.81
C ARG A 275 4.56 -0.95 17.70
N GLU A 276 4.66 -2.27 17.50
CA GLU A 276 5.57 -3.08 18.28
C GLU A 276 7.01 -2.59 18.08
N ALA A 277 7.41 -2.26 16.85
CA ALA A 277 8.77 -1.81 16.59
C ALA A 277 9.10 -0.54 17.38
N ILE A 278 8.18 0.43 17.35
CA ILE A 278 8.45 1.71 17.98
C ILE A 278 8.48 1.56 19.50
N LEU A 279 7.56 0.77 20.06
CA LEU A 279 7.51 0.58 21.50
C LEU A 279 8.80 -0.08 21.98
N SER A 280 9.21 -1.17 21.29
CA SER A 280 10.48 -1.86 21.50
C SER A 280 11.69 -0.93 21.53
N SER A 281 11.72 0.11 20.70
CA SER A 281 12.86 1.03 20.74
C SER A 281 12.91 1.71 22.11
C13 OX8 B . 3.06 -2.16 -9.16
C15 OX8 B . 2.75 -2.45 -6.65
C20 OX8 B . 2.25 1.38 -3.57
C21 OX8 B . 2.48 2.65 -4.40
C22 OX8 B . 3.28 2.26 -5.62
C26 OX8 B . 0.84 2.32 -8.52
C01 OX8 B . 0.76 3.66 -9.25
C02 OX8 B . 2.02 4.53 -9.17
C03 OX8 B . 2.72 4.71 -10.52
C05 OX8 B . 3.06 2.43 -11.71
C07 OX8 B . 4.02 1.31 -12.15
C08 OX8 B . 3.42 0.16 -12.97
C09 OX8 B . 4.21 -1.13 -12.72
C12 OX8 B . 3.57 -1.17 -10.21
C14 OX8 B . 2.84 -1.47 -7.81
C16 OX8 B . 1.80 -1.99 -5.55
C18 OX8 B . 1.58 0.22 -4.32
C25 OX8 B . 1.32 2.52 -7.11
N04 OX8 B . 3.57 3.58 -10.93
N11 OX8 B . 4.27 -1.75 -11.38
N17 OX8 B . 2.37 -0.89 -4.84
N24 OX8 B . 2.72 2.19 -6.94
O06 OX8 B . 1.92 2.37 -12.04
O10 OX8 B . 4.79 -1.65 -13.65
O19 OX8 B . 0.41 0.23 -4.48
O23 OX8 B . 4.40 1.95 -5.55
O27 OX8 B . 3.61 1.78 -7.94
O28 OX8 B . 5.03 -2.94 -11.25
C13 OX8 C . 7.81 -2.24 -6.36
C15 OX8 C . 10.00 -1.48 -7.23
C20 OX8 C . 10.22 3.10 -7.50
C21 OX8 C . 9.26 4.04 -6.77
C22 OX8 C . 7.85 3.57 -7.06
C26 OX8 C . 6.46 6.06 -9.61
C01 OX8 C . 7.15 5.85 -10.97
C02 OX8 C . 8.28 4.80 -11.01
C03 OX8 C . 8.45 4.12 -12.37
C05 OX8 C . 8.39 1.66 -11.61
C07 OX8 C . 7.65 0.31 -11.57
C08 OX8 C . 7.65 -0.38 -10.18
C09 OX8 C . 6.83 0.29 -9.02
C12 OX8 C . 7.00 -1.91 -7.61
C14 OX8 C . 8.98 -1.29 -6.12
C16 OX8 C . 11.22 -0.59 -7.06
C18 OX8 C . 10.51 1.81 -6.75
C25 OX8 C . 7.23 5.71 -8.32
N04 OX8 C . 7.81 2.81 -12.31
N11 OX8 C . 6.55 -0.49 -7.75
N17 OX8 C . 10.92 0.71 -7.62
N24 OX8 C . 6.90 4.37 -7.79
O06 OX8 C . 9.44 1.75 -11.04
O10 OX8 C . 6.44 1.41 -9.17
O19 OX8 C . 10.42 1.68 -5.57
O23 OX8 C . 7.45 2.51 -6.69
O27 OX8 C . 5.66 3.76 -7.94
O28 OX8 C . 5.79 0.03 -6.67
FE FE D . 6.09 -2.90 -13.20
FE FE E . 5.48 1.90 -7.37
#